data_7BM8
#
_entry.id   7BM8
#
_cell.length_a   69.461
_cell.length_b   56.076
_cell.length_c   71.360
_cell.angle_alpha   90.000
_cell.angle_beta   98.400
_cell.angle_gamma   90.000
#
_symmetry.space_group_name_H-M   'P 1 21 1'
#
loop_
_entity.id
_entity.type
_entity.pdbx_description
1 polymer 'Chromosome-partitioning protein ParB'
2 non-polymer "CYTIDINE-5'-TRIPHOSPHATE"
3 non-polymer 'MAGNESIUM ION'
#
_entity_poly.entity_id   1
_entity_poly.type   'polypeptide(L)'
_entity_poly.pdbx_seq_one_letter_code
;MSEGRRGLGRGLSALLGEVDAAPAQAPGEQLGGSREAPIEILQRNPDQPRRTFREEDLEDLSNSIREKGVLQPILVRPSP
DTAGEYQIVAGERRWRAAQRAGLKTVPIMVRELDDLAVLEIGIIENVQRADLNVLEEALSYKVLMEKFERTQENIAQTIG
KSRSHVANTMRLLALPDEVQSYLVSGELTAGHARAIAAAADPVALAKQIIEGGLSVRETEALARKAPNLSAGKSKGGRPP
RVKDKLAAALEHHHHHH
;
_entity_poly.pdbx_strand_id   A,B
#
# COMPACT_ATOMS: atom_id res chain seq x y z
N GLY A 32 23.97 -0.30 7.37
CA GLY A 32 23.33 1.00 7.73
C GLY A 32 21.82 0.87 7.95
N GLY A 33 21.36 1.07 9.18
CA GLY A 33 19.96 0.85 9.60
C GLY A 33 19.07 2.04 9.23
N SER A 34 18.21 2.46 10.16
CA SER A 34 17.26 3.60 10.00
C SER A 34 17.40 4.54 11.20
N ARG A 35 17.42 5.86 10.94
CA ARG A 35 17.64 6.92 11.96
C ARG A 35 16.58 8.01 11.81
N GLU A 36 16.29 8.71 12.91
CA GLU A 36 15.52 10.00 12.91
C GLU A 36 16.43 11.08 12.34
N ALA A 37 15.89 11.95 11.49
CA ALA A 37 16.64 13.02 10.80
C ALA A 37 15.74 14.25 10.65
N PRO A 38 16.31 15.47 10.72
CA PRO A 38 15.52 16.70 10.65
C PRO A 38 14.77 16.77 9.32
N ILE A 39 13.45 16.89 9.38
CA ILE A 39 12.52 16.87 8.20
C ILE A 39 12.99 17.88 7.14
N GLU A 40 13.67 18.95 7.57
CA GLU A 40 14.01 20.14 6.72
C GLU A 40 15.15 19.85 5.75
N ILE A 41 15.90 18.76 5.92
CA ILE A 41 17.08 18.42 5.06
C ILE A 41 16.68 17.32 4.06
N LEU A 42 15.38 17.15 3.82
CA LEU A 42 14.84 16.17 2.84
C LEU A 42 14.18 16.94 1.69
N GLN A 43 14.36 16.46 0.46
CA GLN A 43 13.73 17.03 -0.77
C GLN A 43 13.21 15.89 -1.64
N ARG A 44 12.19 16.18 -2.45
CA ARG A 44 11.51 15.22 -3.37
C ARG A 44 12.35 15.02 -4.63
N ASN A 45 12.23 13.85 -5.26
CA ASN A 45 12.71 13.62 -6.65
C ASN A 45 11.58 14.03 -7.60
N PRO A 46 11.79 15.03 -8.48
CA PRO A 46 10.77 15.43 -9.46
C PRO A 46 10.33 14.27 -10.36
N ASP A 47 11.23 13.32 -10.63
CA ASP A 47 10.99 12.15 -11.53
C ASP A 47 10.51 10.95 -10.73
N GLN A 48 9.71 11.19 -9.68
CA GLN A 48 9.11 10.14 -8.80
C GLN A 48 7.87 9.58 -9.51
N PRO A 49 7.72 8.24 -9.62
CA PRO A 49 6.58 7.64 -10.33
C PRO A 49 5.19 8.24 -10.09
N ARG A 50 4.95 8.76 -8.89
CA ARG A 50 3.64 9.37 -8.47
C ARG A 50 3.67 10.87 -8.76
N ARG A 51 2.73 11.36 -9.58
CA ARG A 51 2.63 12.77 -10.03
C ARG A 51 1.60 13.52 -9.18
N THR A 52 0.43 12.91 -8.96
CA THR A 52 -0.78 13.56 -8.36
C THR A 52 -0.92 13.16 -6.88
N PHE A 53 -1.37 14.10 -6.04
CA PHE A 53 -1.52 13.97 -4.57
C PHE A 53 -2.84 14.61 -4.11
N ARG A 54 -3.86 13.78 -3.83
CA ARG A 54 -5.22 14.25 -3.42
C ARG A 54 -5.19 14.76 -1.97
N GLU A 55 -5.71 15.96 -1.74
CA GLU A 55 -5.74 16.65 -0.42
C GLU A 55 -6.45 15.76 0.61
N GLU A 56 -7.60 15.20 0.23
CA GLU A 56 -8.45 14.33 1.09
C GLU A 56 -7.56 13.27 1.76
N ASP A 57 -6.78 12.55 0.96
CA ASP A 57 -5.92 11.41 1.41
C ASP A 57 -4.77 11.95 2.28
N LEU A 58 -4.09 13.00 1.81
CA LEU A 58 -2.91 13.60 2.48
C LEU A 58 -3.30 14.08 3.89
N GLU A 59 -4.51 14.64 4.03
CA GLU A 59 -5.09 15.08 5.33
C GLU A 59 -5.20 13.87 6.27
N ASP A 60 -5.71 12.73 5.77
CA ASP A 60 -5.88 11.48 6.55
C ASP A 60 -4.51 11.01 7.06
N LEU A 61 -3.48 11.06 6.21
CA LEU A 61 -2.12 10.58 6.54
C LEU A 61 -1.50 11.48 7.61
N SER A 62 -1.58 12.80 7.43
CA SER A 62 -1.08 13.81 8.40
C SER A 62 -1.77 13.63 9.75
N ASN A 63 -3.08 13.36 9.76
CA ASN A 63 -3.86 13.05 10.98
C ASN A 63 -3.28 11.79 11.62
N SER A 64 -3.19 10.70 10.86
CA SER A 64 -2.66 9.37 11.27
C SER A 64 -1.24 9.51 11.82
N ILE A 65 -0.42 10.37 11.20
CA ILE A 65 0.98 10.65 11.63
C ILE A 65 0.97 11.50 12.90
N ARG A 66 0.03 12.45 13.02
CA ARG A 66 -0.08 13.33 14.21
C ARG A 66 -0.27 12.45 15.45
N GLU A 67 -1.06 11.37 15.33
CA GLU A 67 -1.35 10.41 16.43
C GLU A 67 -0.12 9.51 16.68
N LYS A 68 0.10 8.52 15.82
CA LYS A 68 1.05 7.39 16.05
C LYS A 68 2.40 7.66 15.37
N GLY A 69 2.57 8.82 14.72
CA GLY A 69 3.84 9.21 14.06
C GLY A 69 4.03 8.48 12.73
N VAL A 70 5.22 8.63 12.14
CA VAL A 70 5.61 7.96 10.86
C VAL A 70 6.05 6.54 11.21
N LEU A 71 5.28 5.53 10.78
CA LEU A 71 5.44 4.12 11.20
C LEU A 71 6.45 3.40 10.31
N GLN A 72 6.44 3.68 9.00
CA GLN A 72 7.38 3.10 8.01
C GLN A 72 8.46 4.14 7.69
N PRO A 73 9.74 3.89 8.03
CA PRO A 73 10.82 4.82 7.69
C PRO A 73 10.84 5.18 6.20
N ILE A 74 11.25 6.41 5.89
CA ILE A 74 11.27 7.00 4.52
C ILE A 74 12.61 6.68 3.87
N LEU A 75 12.57 6.07 2.68
CA LEU A 75 13.78 5.66 1.91
C LEU A 75 14.28 6.88 1.12
N VAL A 76 15.56 7.23 1.33
CA VAL A 76 16.24 8.39 0.71
C VAL A 76 17.60 7.95 0.18
N ARG A 77 18.11 8.65 -0.84
CA ARG A 77 19.54 8.61 -1.26
C ARG A 77 20.15 9.98 -0.99
N PRO A 78 21.49 10.07 -0.78
CA PRO A 78 22.15 11.36 -0.66
C PRO A 78 21.82 12.20 -1.90
N SER A 79 21.46 13.48 -1.70
CA SER A 79 21.00 14.38 -2.79
C SER A 79 22.06 14.45 -3.88
N PRO A 80 21.68 14.28 -5.16
CA PRO A 80 22.63 14.40 -6.27
C PRO A 80 22.99 15.85 -6.62
N ASP A 81 22.16 16.81 -6.22
CA ASP A 81 22.28 18.25 -6.60
C ASP A 81 22.87 19.05 -5.43
N THR A 82 22.33 18.87 -4.22
CA THR A 82 22.61 19.70 -3.02
C THR A 82 23.38 18.90 -1.98
N ALA A 83 24.36 19.53 -1.31
CA ALA A 83 25.22 18.91 -0.27
C ALA A 83 24.42 18.78 1.03
N GLY A 84 24.66 17.67 1.76
CA GLY A 84 24.06 17.39 3.08
C GLY A 84 22.54 17.34 3.06
N GLU A 85 21.94 17.17 1.88
CA GLU A 85 20.48 17.00 1.67
C GLU A 85 20.23 15.55 1.23
N TYR A 86 19.01 15.05 1.42
CA TYR A 86 18.60 13.67 1.01
C TYR A 86 17.41 13.75 0.07
N GLN A 87 17.48 13.04 -1.06
CA GLN A 87 16.41 12.98 -2.08
C GLN A 87 15.52 11.76 -1.78
N ILE A 88 14.24 11.98 -1.53
CA ILE A 88 13.26 10.92 -1.16
C ILE A 88 13.11 9.96 -2.35
N VAL A 89 13.46 8.68 -2.12
CA VAL A 89 13.32 7.58 -3.11
C VAL A 89 11.91 6.99 -2.98
N ALA A 90 11.47 6.73 -1.74
CA ALA A 90 10.12 6.22 -1.41
C ALA A 90 9.63 6.87 -0.11
N GLY A 91 8.48 7.56 -0.16
CA GLY A 91 7.79 8.12 1.02
C GLY A 91 7.59 9.63 0.96
N GLU A 92 7.23 10.17 -0.21
CA GLU A 92 6.99 11.63 -0.38
C GLU A 92 5.76 12.05 0.41
N ARG A 93 4.66 11.27 0.33
CA ARG A 93 3.39 11.54 1.04
C ARG A 93 3.66 11.61 2.54
N ARG A 94 4.40 10.63 3.08
CA ARG A 94 4.82 10.57 4.50
C ARG A 94 5.52 11.88 4.89
N TRP A 95 6.48 12.32 4.07
CA TRP A 95 7.27 13.56 4.28
C TRP A 95 6.35 14.79 4.28
N ARG A 96 5.44 14.88 3.31
CA ARG A 96 4.50 16.03 3.16
C ARG A 96 3.46 16.00 4.28
N ALA A 97 2.95 14.81 4.62
CA ALA A 97 1.99 14.57 5.72
C ALA A 97 2.63 14.98 7.04
N ALA A 98 3.83 14.46 7.33
CA ALA A 98 4.62 14.77 8.55
C ALA A 98 4.87 16.27 8.64
N GLN A 99 5.15 16.93 7.50
CA GLN A 99 5.36 18.40 7.41
C GLN A 99 4.12 19.12 7.93
N ARG A 100 2.96 18.87 7.30
CA ARG A 100 1.65 19.44 7.72
C ARG A 100 1.39 19.12 9.19
N ALA A 101 1.67 17.89 9.62
CA ALA A 101 1.51 17.38 11.00
C ALA A 101 2.47 18.09 11.97
N GLY A 102 3.42 18.88 11.46
CA GLY A 102 4.33 19.69 12.29
C GLY A 102 5.36 18.85 13.03
N LEU A 103 5.81 17.75 12.42
CA LEU A 103 6.91 16.91 12.96
C LEU A 103 8.24 17.58 12.63
N LYS A 104 9.17 17.64 13.60
CA LYS A 104 10.49 18.30 13.48
C LYS A 104 11.51 17.34 12.84
N THR A 105 11.42 16.04 13.16
CA THR A 105 12.30 14.97 12.60
C THR A 105 11.46 13.87 11.96
N VAL A 106 12.06 13.08 11.06
CA VAL A 106 11.43 11.88 10.43
C VAL A 106 12.43 10.73 10.41
N PRO A 107 11.93 9.47 10.47
CA PRO A 107 12.80 8.30 10.33
C PRO A 107 13.16 8.04 8.87
N ILE A 108 14.45 7.92 8.56
CA ILE A 108 14.98 7.74 7.17
C ILE A 108 15.91 6.52 7.13
N MET A 109 16.11 5.98 5.93
CA MET A 109 17.16 4.98 5.62
C MET A 109 17.92 5.46 4.38
N VAL A 110 19.23 5.73 4.53
CA VAL A 110 20.10 6.26 3.44
C VAL A 110 20.78 5.09 2.74
N ARG A 111 20.58 4.95 1.43
CA ARG A 111 21.24 3.95 0.56
C ARG A 111 21.76 4.67 -0.70
N GLU A 112 22.98 4.35 -1.13
CA GLU A 112 23.57 4.83 -2.41
C GLU A 112 22.75 4.22 -3.56
N LEU A 113 22.17 5.04 -4.42
CA LEU A 113 21.26 4.58 -5.50
C LEU A 113 21.40 5.51 -6.72
N ASP A 114 21.58 4.93 -7.92
CA ASP A 114 21.60 5.66 -9.21
C ASP A 114 20.15 5.86 -9.68
N ASP A 115 19.94 6.63 -10.74
CA ASP A 115 18.60 7.10 -11.18
C ASP A 115 17.74 5.91 -11.62
N LEU A 116 18.33 4.79 -12.05
CA LEU A 116 17.58 3.58 -12.48
C LEU A 116 17.05 2.86 -11.24
N ALA A 117 17.91 2.65 -10.24
CA ALA A 117 17.58 2.01 -8.94
C ALA A 117 16.35 2.70 -8.34
N VAL A 118 16.42 4.03 -8.19
CA VAL A 118 15.38 4.88 -7.56
C VAL A 118 14.05 4.67 -8.28
N LEU A 119 14.03 4.73 -9.61
CA LEU A 119 12.77 4.58 -10.40
C LEU A 119 12.20 3.17 -10.17
N GLU A 120 13.07 2.16 -10.18
CA GLU A 120 12.68 0.75 -9.91
C GLU A 120 12.03 0.68 -8.53
N ILE A 121 12.78 1.03 -7.48
CA ILE A 121 12.33 0.97 -6.05
C ILE A 121 11.02 1.76 -5.91
N GLY A 122 11.00 2.99 -6.43
CA GLY A 122 9.80 3.86 -6.47
C GLY A 122 8.57 3.10 -6.93
N ILE A 123 8.70 2.30 -7.99
CA ILE A 123 7.57 1.49 -8.56
C ILE A 123 7.27 0.33 -7.61
N ILE A 124 8.30 -0.40 -7.19
CA ILE A 124 8.19 -1.67 -6.42
C ILE A 124 7.40 -1.42 -5.12
N GLU A 125 7.86 -0.48 -4.28
CA GLU A 125 7.25 -0.18 -2.95
C GLU A 125 5.74 0.05 -3.10
N ASN A 126 5.31 0.65 -4.22
CA ASN A 126 3.89 1.03 -4.43
C ASN A 126 3.14 -0.07 -5.19
N VAL A 127 3.84 -0.89 -5.99
CA VAL A 127 3.22 -1.92 -6.88
C VAL A 127 3.18 -3.29 -6.16
N GLN A 128 4.20 -3.62 -5.37
CA GLN A 128 4.31 -4.93 -4.66
C GLN A 128 3.74 -4.80 -3.24
N ARG A 129 2.41 -4.75 -3.13
CA ARG A 129 1.68 -4.67 -1.84
C ARG A 129 0.19 -4.96 -2.08
N ALA A 130 -0.42 -5.75 -1.20
CA ALA A 130 -1.82 -6.25 -1.31
C ALA A 130 -2.71 -5.45 -0.35
N ASP A 131 -3.84 -4.95 -0.86
CA ASP A 131 -4.81 -4.15 -0.07
C ASP A 131 -5.62 -5.09 0.83
N LEU A 132 -6.08 -4.57 1.97
CA LEU A 132 -6.91 -5.29 2.96
C LEU A 132 -8.35 -5.34 2.45
N ASN A 133 -9.00 -6.50 2.51
CA ASN A 133 -10.44 -6.65 2.16
C ASN A 133 -11.23 -5.68 3.06
N VAL A 134 -12.26 -5.04 2.51
CA VAL A 134 -13.07 -4.02 3.25
C VAL A 134 -13.76 -4.69 4.45
N LEU A 135 -14.02 -6.01 4.35
CA LEU A 135 -14.65 -6.81 5.45
C LEU A 135 -13.60 -7.11 6.53
N GLU A 136 -12.39 -7.49 6.14
CA GLU A 136 -11.24 -7.67 7.08
C GLU A 136 -11.03 -6.36 7.84
N GLU A 137 -11.24 -5.23 7.18
CA GLU A 137 -11.14 -3.86 7.76
C GLU A 137 -12.26 -3.68 8.79
N ALA A 138 -13.50 -3.96 8.39
CA ALA A 138 -14.73 -3.84 9.23
C ALA A 138 -14.58 -4.69 10.51
N LEU A 139 -14.20 -5.96 10.36
CA LEU A 139 -13.98 -6.91 11.50
C LEU A 139 -12.95 -6.32 12.47
N SER A 140 -11.87 -5.72 11.95
CA SER A 140 -10.79 -5.07 12.75
C SER A 140 -11.41 -3.99 13.64
N TYR A 141 -12.36 -3.22 13.12
CA TYR A 141 -13.07 -2.13 13.83
C TYR A 141 -14.02 -2.73 14.88
N LYS A 142 -14.71 -3.83 14.54
CA LYS A 142 -15.58 -4.58 15.48
C LYS A 142 -14.76 -4.92 16.72
N VAL A 143 -13.62 -5.59 16.53
CA VAL A 143 -12.71 -6.02 17.62
C VAL A 143 -12.27 -4.81 18.45
N LEU A 144 -12.01 -3.67 17.82
CA LEU A 144 -11.67 -2.41 18.56
C LEU A 144 -12.82 -2.06 19.49
N MET A 145 -14.07 -2.15 19.01
CA MET A 145 -15.29 -1.80 19.78
C MET A 145 -15.49 -2.81 20.90
N GLU A 146 -15.62 -4.10 20.56
CA GLU A 146 -16.03 -5.17 21.51
C GLU A 146 -14.89 -5.48 22.49
N LYS A 147 -13.73 -5.93 22.00
CA LYS A 147 -12.60 -6.41 22.84
C LYS A 147 -11.97 -5.24 23.62
N PHE A 148 -11.98 -4.02 23.08
CA PHE A 148 -11.21 -2.86 23.61
C PHE A 148 -12.10 -1.66 23.93
N GLU A 149 -13.41 -1.74 23.67
CA GLU A 149 -14.41 -0.73 24.12
C GLU A 149 -14.06 0.63 23.53
N ARG A 150 -13.72 0.68 22.24
CA ARG A 150 -13.43 1.93 21.50
C ARG A 150 -14.71 2.37 20.79
N THR A 151 -15.05 3.67 20.87
CA THR A 151 -16.16 4.27 20.09
C THR A 151 -15.69 4.47 18.66
N GLN A 152 -16.63 4.60 17.72
CA GLN A 152 -16.34 4.88 16.28
C GLN A 152 -15.55 6.19 16.17
N GLU A 153 -15.74 7.12 17.12
CA GLU A 153 -14.97 8.39 17.21
C GLU A 153 -13.53 8.07 17.65
N ASN A 154 -13.35 7.21 18.65
CA ASN A 154 -12.02 6.78 19.16
C ASN A 154 -11.22 6.18 18.01
N ILE A 155 -11.85 5.32 17.21
CA ILE A 155 -11.24 4.62 16.05
C ILE A 155 -10.79 5.66 15.02
N ALA A 156 -11.73 6.46 14.52
CA ALA A 156 -11.52 7.56 13.55
C ALA A 156 -10.29 8.39 13.94
N GLN A 157 -10.22 8.81 15.22
CA GLN A 157 -9.14 9.70 15.74
C GLN A 157 -7.80 8.99 15.65
N THR A 158 -7.75 7.70 16.00
CA THR A 158 -6.50 6.90 16.11
C THR A 158 -5.99 6.48 14.71
N ILE A 159 -6.88 6.09 13.79
CA ILE A 159 -6.51 5.56 12.45
C ILE A 159 -6.42 6.71 11.43
N GLY A 160 -6.88 7.91 11.79
CA GLY A 160 -6.76 9.12 10.96
C GLY A 160 -7.76 9.16 9.82
N LYS A 161 -8.88 8.46 9.95
CA LYS A 161 -10.01 8.48 8.98
C LYS A 161 -11.21 9.19 9.61
N SER A 162 -12.29 9.39 8.85
CA SER A 162 -13.55 10.05 9.29
C SER A 162 -14.40 9.06 10.09
N ARG A 163 -15.19 9.57 11.05
CA ARG A 163 -16.23 8.78 11.75
C ARG A 163 -17.15 8.14 10.71
N SER A 164 -17.49 8.91 9.67
CA SER A 164 -18.31 8.45 8.51
C SER A 164 -17.73 7.16 7.93
N HIS A 165 -16.46 7.19 7.52
CA HIS A 165 -15.72 6.04 6.91
C HIS A 165 -15.82 4.81 7.83
N VAL A 166 -15.58 5.00 9.13
CA VAL A 166 -15.59 3.92 10.16
C VAL A 166 -16.99 3.31 10.22
N ALA A 167 -18.01 4.13 10.47
CA ALA A 167 -19.43 3.74 10.59
C ALA A 167 -19.86 2.96 9.35
N ASN A 168 -19.63 3.53 8.16
CA ASN A 168 -20.00 2.93 6.85
C ASN A 168 -19.31 1.58 6.69
N THR A 169 -18.02 1.49 7.04
CA THR A 169 -17.19 0.26 6.91
C THR A 169 -17.79 -0.86 7.75
N MET A 170 -18.24 -0.55 8.98
CA MET A 170 -18.75 -1.53 9.96
C MET A 170 -20.16 -2.01 9.55
N ARG A 171 -20.99 -1.11 9.02
CA ARG A 171 -22.38 -1.39 8.57
C ARG A 171 -22.38 -2.58 7.59
N LEU A 172 -21.29 -2.79 6.87
CA LEU A 172 -21.14 -3.88 5.87
C LEU A 172 -21.22 -5.25 6.54
N LEU A 173 -20.91 -5.36 7.83
CA LEU A 173 -20.93 -6.63 8.59
C LEU A 173 -22.38 -7.11 8.76
N ALA A 174 -23.34 -6.18 8.77
CA ALA A 174 -24.80 -6.44 8.90
C ALA A 174 -25.32 -7.16 7.66
N LEU A 175 -24.82 -6.79 6.47
CA LEU A 175 -25.32 -7.22 5.14
C LEU A 175 -25.31 -8.74 5.04
N PRO A 176 -26.17 -9.34 4.19
CA PRO A 176 -26.22 -10.79 4.00
C PRO A 176 -24.89 -11.41 3.57
N ASP A 177 -24.73 -12.72 3.84
CA ASP A 177 -23.51 -13.50 3.52
C ASP A 177 -23.24 -13.48 2.02
N GLU A 178 -24.30 -13.47 1.20
CA GLU A 178 -24.24 -13.50 -0.28
C GLU A 178 -23.56 -12.22 -0.81
N VAL A 179 -24.01 -11.05 -0.35
CA VAL A 179 -23.50 -9.74 -0.83
C VAL A 179 -22.09 -9.54 -0.27
N GLN A 180 -21.81 -10.06 0.93
CA GLN A 180 -20.47 -10.07 1.57
C GLN A 180 -19.53 -10.93 0.72
N SER A 181 -20.02 -12.08 0.24
CA SER A 181 -19.30 -12.99 -0.69
C SER A 181 -18.88 -12.24 -1.95
N TYR A 182 -19.72 -11.32 -2.43
CA TYR A 182 -19.46 -10.41 -3.58
C TYR A 182 -18.25 -9.51 -3.25
N LEU A 183 -18.20 -9.00 -2.02
CA LEU A 183 -17.10 -8.12 -1.52
C LEU A 183 -15.87 -8.97 -1.18
N VAL A 184 -16.06 -10.18 -0.65
CA VAL A 184 -14.98 -11.17 -0.37
C VAL A 184 -14.31 -11.55 -1.69
N SER A 185 -15.11 -11.72 -2.76
CA SER A 185 -14.66 -12.05 -4.14
C SER A 185 -14.13 -10.80 -4.85
N GLY A 186 -14.71 -9.64 -4.57
CA GLY A 186 -14.34 -8.35 -5.19
C GLY A 186 -15.36 -7.90 -6.23
N GLU A 187 -16.23 -8.82 -6.67
CA GLU A 187 -17.34 -8.56 -7.63
C GLU A 187 -17.97 -7.20 -7.31
N LEU A 188 -18.48 -7.06 -6.07
CA LEU A 188 -18.95 -5.77 -5.51
C LEU A 188 -17.75 -4.83 -5.32
N THR A 189 -17.68 -3.75 -6.08
CA THR A 189 -16.60 -2.72 -6.04
C THR A 189 -16.45 -2.21 -4.61
N ALA A 190 -15.22 -2.18 -4.09
CA ALA A 190 -14.87 -1.74 -2.72
C ALA A 190 -15.32 -0.30 -2.49
N GLY A 191 -15.17 0.56 -3.50
CA GLY A 191 -15.69 1.95 -3.48
C GLY A 191 -17.20 1.98 -3.36
N HIS A 192 -17.88 1.10 -4.12
CA HIS A 192 -19.36 0.94 -4.14
C HIS A 192 -19.88 0.45 -2.78
N ALA A 193 -19.04 -0.26 -2.01
CA ALA A 193 -19.38 -0.85 -0.70
C ALA A 193 -19.74 0.25 0.30
N ARG A 194 -18.86 1.25 0.48
CA ARG A 194 -19.06 2.40 1.41
C ARG A 194 -20.34 3.14 1.03
N ALA A 195 -20.63 3.26 -0.27
CA ALA A 195 -21.86 3.89 -0.82
C ALA A 195 -23.07 3.02 -0.50
N ILE A 196 -23.00 1.72 -0.84
CA ILE A 196 -24.05 0.70 -0.55
C ILE A 196 -24.41 0.75 0.94
N ALA A 197 -23.40 0.87 1.81
CA ALA A 197 -23.52 0.91 3.29
C ALA A 197 -24.30 2.15 3.73
N ALA A 198 -24.00 3.31 3.16
CA ALA A 198 -24.59 4.62 3.51
C ALA A 198 -26.10 4.62 3.24
N ALA A 199 -26.55 3.88 2.22
CA ALA A 199 -27.97 3.80 1.77
C ALA A 199 -28.88 3.38 2.93
N ALA A 200 -30.06 3.99 3.02
CA ALA A 200 -31.12 3.69 4.00
C ALA A 200 -31.56 2.23 3.83
N ASP A 201 -31.72 1.79 2.58
CA ASP A 201 -31.98 0.38 2.18
C ASP A 201 -30.75 -0.15 1.45
N PRO A 202 -29.73 -0.67 2.17
CA PRO A 202 -28.46 -1.06 1.56
C PRO A 202 -28.53 -2.35 0.73
N VAL A 203 -29.20 -3.38 1.27
CA VAL A 203 -29.30 -4.75 0.68
C VAL A 203 -30.00 -4.67 -0.68
N ALA A 204 -30.89 -3.68 -0.87
CA ALA A 204 -31.67 -3.44 -2.11
C ALA A 204 -30.73 -3.19 -3.31
N LEU A 205 -29.52 -2.69 -3.06
CA LEU A 205 -28.52 -2.34 -4.12
C LEU A 205 -27.83 -3.61 -4.66
N ALA A 206 -28.11 -4.78 -4.08
CA ALA A 206 -27.52 -6.09 -4.44
C ALA A 206 -27.90 -6.46 -5.89
N LYS A 207 -29.20 -6.53 -6.18
CA LYS A 207 -29.75 -6.87 -7.52
C LYS A 207 -29.43 -5.74 -8.51
N GLN A 208 -29.36 -4.49 -8.04
CA GLN A 208 -29.07 -3.28 -8.85
C GLN A 208 -27.60 -3.28 -9.31
N ILE A 209 -26.75 -4.10 -8.69
CA ILE A 209 -25.31 -4.27 -9.05
C ILE A 209 -25.18 -4.97 -10.42
N ILE A 210 -26.29 -5.38 -11.03
CA ILE A 210 -26.36 -5.91 -12.43
C ILE A 210 -25.71 -4.90 -13.38
N GLU A 211 -26.03 -3.62 -13.24
CA GLU A 211 -25.48 -2.49 -14.04
C GLU A 211 -24.21 -1.94 -13.37
N GLY B 32 15.71 3.29 19.42
CA GLY B 32 15.95 2.03 18.66
C GLY B 32 15.60 2.18 17.19
N GLY B 33 16.59 2.05 16.30
CA GLY B 33 16.43 2.16 14.83
C GLY B 33 15.88 0.88 14.22
N SER B 34 16.45 0.46 13.09
CA SER B 34 16.09 -0.77 12.34
C SER B 34 17.35 -1.60 12.07
N ARG B 35 17.28 -2.92 12.30
CA ARG B 35 18.43 -3.85 12.19
C ARG B 35 18.02 -5.08 11.37
N GLU B 36 19.02 -5.72 10.73
CA GLU B 36 18.90 -7.08 10.13
C GLU B 36 18.86 -8.09 11.27
N ALA B 37 17.97 -9.08 11.17
CA ALA B 37 17.75 -10.11 12.21
C ALA B 37 17.43 -11.44 11.55
N PRO B 38 17.84 -12.58 12.16
CA PRO B 38 17.64 -13.90 11.55
C PRO B 38 16.15 -14.17 11.39
N ILE B 39 15.72 -14.44 10.15
CA ILE B 39 14.29 -14.62 9.76
C ILE B 39 13.62 -15.66 10.67
N GLU B 40 14.39 -16.60 11.22
CA GLU B 40 13.90 -17.80 11.96
C GLU B 40 13.38 -17.47 13.37
N ILE B 41 13.69 -16.28 13.91
CA ILE B 41 13.30 -15.87 15.29
C ILE B 41 12.10 -14.92 15.22
N LEU B 42 11.35 -14.93 14.11
CA LEU B 42 10.13 -14.10 13.90
C LEU B 42 8.92 -15.03 13.80
N GLN B 43 7.80 -14.63 14.40
CA GLN B 43 6.51 -15.37 14.35
C GLN B 43 5.36 -14.39 14.12
N ARG B 44 4.27 -14.87 13.51
CA ARG B 44 3.05 -14.08 13.17
C ARG B 44 2.18 -13.88 14.42
N ASN B 45 1.42 -12.80 14.47
CA ASN B 45 0.30 -12.61 15.43
C ASN B 45 -0.95 -13.23 14.79
N PRO B 46 -1.55 -14.27 15.40
CA PRO B 46 -2.79 -14.86 14.88
C PRO B 46 -3.94 -13.83 14.73
N ASP B 47 -3.95 -12.80 15.58
CA ASP B 47 -5.01 -11.76 15.63
C ASP B 47 -4.59 -10.55 14.77
N GLN B 48 -3.91 -10.81 13.64
CA GLN B 48 -3.47 -9.78 12.67
C GLN B 48 -4.65 -9.43 11.76
N PRO B 49 -4.96 -8.13 11.55
CA PRO B 49 -6.12 -7.73 10.74
C PRO B 49 -6.35 -8.47 9.41
N ARG B 50 -5.27 -8.93 8.76
CA ARG B 50 -5.29 -9.64 7.46
C ARG B 50 -5.38 -11.15 7.71
N ARG B 51 -6.44 -11.80 7.20
CA ARG B 51 -6.72 -13.25 7.39
C ARG B 51 -6.22 -14.04 6.18
N THR B 52 -6.53 -13.56 4.96
CA THR B 52 -6.36 -14.29 3.67
C THR B 52 -5.10 -13.80 2.95
N PHE B 53 -4.38 -14.72 2.28
CA PHE B 53 -3.09 -14.47 1.57
C PHE B 53 -3.09 -15.24 0.23
N ARG B 54 -3.29 -14.53 -0.89
CA ARG B 54 -3.38 -15.14 -2.25
C ARG B 54 -1.97 -15.51 -2.74
N GLU B 55 -1.80 -16.76 -3.20
CA GLU B 55 -0.53 -17.33 -3.71
C GLU B 55 0.03 -16.44 -4.82
N GLU B 56 -0.82 -16.06 -5.78
CA GLU B 56 -0.45 -15.23 -6.97
C GLU B 56 0.37 -14.03 -6.50
N ASP B 57 -0.17 -13.27 -5.53
CA ASP B 57 0.43 -12.01 -5.00
C ASP B 57 1.72 -12.34 -4.23
N LEU B 58 1.68 -13.34 -3.34
CA LEU B 58 2.82 -13.73 -2.48
C LEU B 58 4.02 -14.12 -3.34
N GLU B 59 3.77 -14.81 -4.46
CA GLU B 59 4.79 -15.21 -5.46
C GLU B 59 5.47 -13.94 -6.01
N ASP B 60 4.68 -12.94 -6.38
CA ASP B 60 5.18 -11.65 -6.94
C ASP B 60 6.09 -10.96 -5.93
N LEU B 61 5.71 -10.97 -4.65
CA LEU B 61 6.46 -10.31 -3.56
C LEU B 61 7.79 -11.03 -3.33
N SER B 62 7.76 -12.36 -3.23
CA SER B 62 8.96 -13.22 -3.06
C SER B 62 9.93 -13.01 -4.24
N ASN B 63 9.40 -12.91 -5.45
CA ASN B 63 10.19 -12.59 -6.68
C ASN B 63 10.85 -11.22 -6.50
N SER B 64 10.04 -10.20 -6.20
CA SER B 64 10.46 -8.79 -5.98
C SER B 64 11.52 -8.71 -4.88
N ILE B 65 11.36 -9.51 -3.81
CA ILE B 65 12.32 -9.59 -2.66
C ILE B 65 13.58 -10.32 -3.12
N ARG B 66 13.46 -11.36 -3.94
CA ARG B 66 14.62 -12.15 -4.43
C ARG B 66 15.59 -11.20 -5.16
N GLU B 67 15.05 -10.24 -5.92
CA GLU B 67 15.83 -9.24 -6.68
C GLU B 67 16.41 -8.18 -5.74
N LYS B 68 15.58 -7.24 -5.26
CA LYS B 68 16.00 -5.99 -4.58
C LYS B 68 15.93 -6.15 -3.05
N GLY B 69 15.53 -7.32 -2.55
CA GLY B 69 15.44 -7.61 -1.11
C GLY B 69 14.20 -6.98 -0.48
N VAL B 70 14.11 -7.03 0.86
CA VAL B 70 13.01 -6.42 1.66
C VAL B 70 13.32 -4.93 1.81
N LEU B 71 12.52 -4.07 1.19
CA LEU B 71 12.80 -2.60 1.06
C LEU B 71 12.27 -1.85 2.29
N GLN B 72 11.10 -2.22 2.80
CA GLN B 72 10.49 -1.63 4.02
C GLN B 72 10.72 -2.56 5.20
N PRO B 73 11.49 -2.14 6.24
CA PRO B 73 11.69 -2.96 7.43
C PRO B 73 10.38 -3.43 8.06
N ILE B 74 10.39 -4.63 8.64
CA ILE B 74 9.20 -5.32 9.22
C ILE B 74 9.07 -4.89 10.69
N LEU B 75 7.88 -4.39 11.07
CA LEU B 75 7.58 -3.92 12.44
C LEU B 75 7.20 -5.12 13.29
N VAL B 76 7.92 -5.30 14.41
CA VAL B 76 7.75 -6.42 15.37
C VAL B 76 7.73 -5.86 16.80
N ARG B 77 7.06 -6.57 17.72
CA ARG B 77 7.21 -6.38 19.18
C ARG B 77 7.87 -7.64 19.75
N PRO B 78 8.58 -7.55 20.90
CA PRO B 78 9.09 -8.74 21.58
C PRO B 78 7.93 -9.71 21.82
N SER B 79 8.13 -10.99 21.52
CA SER B 79 7.08 -12.04 21.59
C SER B 79 6.48 -12.07 23.00
N PRO B 80 5.14 -12.05 23.13
CA PRO B 80 4.50 -12.13 24.44
C PRO B 80 4.49 -13.55 25.03
N ASP B 81 4.65 -14.58 24.18
CA ASP B 81 4.51 -16.01 24.57
C ASP B 81 5.90 -16.65 24.71
N THR B 82 6.78 -16.44 23.73
CA THR B 82 8.10 -17.13 23.58
C THR B 82 9.25 -16.16 23.84
N ALA B 83 10.30 -16.62 24.53
CA ALA B 83 11.51 -15.83 24.86
C ALA B 83 12.40 -15.69 23.61
N GLY B 84 13.03 -14.52 23.45
CA GLY B 84 13.98 -14.20 22.36
C GLY B 84 13.37 -14.33 20.98
N GLU B 85 12.04 -14.31 20.88
CA GLU B 85 11.27 -14.33 19.61
C GLU B 85 10.62 -12.97 19.42
N TYR B 86 10.26 -12.60 18.19
CA TYR B 86 9.57 -11.33 17.85
C TYR B 86 8.25 -11.64 17.14
N GLN B 87 7.16 -11.00 17.59
CA GLN B 87 5.81 -11.16 17.00
C GLN B 87 5.60 -10.04 15.97
N ILE B 88 5.38 -10.40 14.71
CA ILE B 88 5.21 -9.43 13.58
C ILE B 88 3.96 -8.60 13.82
N VAL B 89 4.13 -7.28 13.95
CA VAL B 89 3.03 -6.28 14.11
C VAL B 89 2.55 -5.86 12.73
N ALA B 90 3.49 -5.54 11.82
CA ALA B 90 3.22 -5.19 10.40
C ALA B 90 4.31 -5.79 9.51
N GLY B 91 3.92 -6.61 8.53
CA GLY B 91 4.81 -7.14 7.48
C GLY B 91 4.86 -8.66 7.45
N GLU B 92 3.73 -9.35 7.61
CA GLU B 92 3.65 -10.84 7.58
C GLU B 92 3.96 -11.34 6.16
N ARG B 93 3.38 -10.70 5.14
CA ARG B 93 3.59 -11.06 3.72
C ARG B 93 5.09 -10.97 3.39
N ARG B 94 5.74 -9.87 3.78
CA ARG B 94 7.19 -9.63 3.61
C ARG B 94 7.97 -10.82 4.20
N TRP B 95 7.63 -11.19 5.43
CA TRP B 95 8.27 -12.31 6.19
C TRP B 95 8.09 -13.64 5.43
N ARG B 96 6.87 -13.93 4.98
CA ARG B 96 6.52 -15.18 4.27
C ARG B 96 7.16 -15.18 2.87
N ALA B 97 7.12 -14.05 2.18
CA ALA B 97 7.75 -13.84 0.85
C ALA B 97 9.26 -14.04 0.96
N ALA B 98 9.90 -13.36 1.92
CA ALA B 98 11.35 -13.46 2.19
C ALA B 98 11.73 -14.92 2.52
N GLN B 99 10.86 -15.63 3.26
CA GLN B 99 11.04 -17.06 3.61
C GLN B 99 11.14 -17.88 2.31
N ARG B 100 10.09 -17.83 1.47
CA ARG B 100 10.05 -18.50 0.15
C ARG B 100 11.27 -18.10 -0.68
N ALA B 101 11.62 -16.81 -0.67
CA ALA B 101 12.77 -16.21 -1.40
C ALA B 101 14.11 -16.72 -0.83
N GLY B 102 14.09 -17.43 0.30
CA GLY B 102 15.28 -18.06 0.89
C GLY B 102 16.25 -17.05 1.48
N LEU B 103 15.74 -15.94 2.04
CA LEU B 103 16.55 -14.94 2.76
C LEU B 103 16.83 -15.47 4.17
N LYS B 104 18.07 -15.33 4.64
CA LYS B 104 18.53 -15.85 5.96
C LYS B 104 18.22 -14.82 7.06
N THR B 105 18.33 -13.53 6.77
CA THR B 105 18.01 -12.41 7.70
C THR B 105 16.97 -11.48 7.08
N VAL B 106 16.27 -10.70 7.92
CA VAL B 106 15.30 -9.65 7.49
C VAL B 106 15.52 -8.39 8.31
N PRO B 107 15.24 -7.20 7.74
CA PRO B 107 15.28 -5.94 8.49
C PRO B 107 14.04 -5.78 9.37
N ILE B 108 14.24 -5.53 10.66
CA ILE B 108 13.14 -5.39 11.66
C ILE B 108 13.30 -4.08 12.43
N MET B 109 12.20 -3.61 13.04
CA MET B 109 12.19 -2.52 14.05
C MET B 109 11.39 -3.01 15.27
N VAL B 110 12.05 -3.11 16.42
CA VAL B 110 11.46 -3.62 17.69
C VAL B 110 10.93 -2.42 18.49
N ARG B 111 9.63 -2.43 18.81
CA ARG B 111 8.96 -1.42 19.66
C ARG B 111 8.08 -2.17 20.68
N GLU B 112 8.10 -1.74 21.95
CA GLU B 112 7.19 -2.26 23.01
C GLU B 112 5.77 -1.83 22.65
N LEU B 113 4.85 -2.79 22.50
CA LEU B 113 3.45 -2.51 22.05
C LEU B 113 2.50 -3.51 22.72
N ASP B 114 1.41 -3.01 23.31
CA ASP B 114 0.32 -3.83 23.90
C ASP B 114 -0.65 -4.23 22.78
N ASP B 115 -1.60 -5.11 23.08
CA ASP B 115 -2.46 -5.77 22.06
C ASP B 115 -3.33 -4.74 21.34
N LEU B 116 -3.64 -3.59 21.95
CA LEU B 116 -4.46 -2.51 21.33
C LEU B 116 -3.61 -1.78 20.29
N ALA B 117 -2.39 -1.38 20.67
CA ALA B 117 -1.41 -0.69 19.80
C ALA B 117 -1.23 -1.49 18.50
N VAL B 118 -0.91 -2.77 18.63
CA VAL B 118 -0.61 -3.69 17.49
C VAL B 118 -1.82 -3.71 16.54
N LEU B 119 -3.04 -3.88 17.04
CA LEU B 119 -4.25 -3.96 16.19
C LEU B 119 -4.42 -2.62 15.46
N GLU B 120 -4.23 -1.50 16.17
CA GLU B 120 -4.30 -0.13 15.59
C GLU B 120 -3.29 -0.04 14.44
N ILE B 121 -2.00 -0.20 14.76
CA ILE B 121 -0.86 -0.10 13.78
C ILE B 121 -1.14 -1.03 12.60
N GLY B 122 -1.48 -2.29 12.87
CA GLY B 122 -1.85 -3.30 11.87
C GLY B 122 -2.83 -2.74 10.85
N ILE B 123 -3.85 -2.00 11.32
CA ILE B 123 -4.90 -1.40 10.44
C ILE B 123 -4.29 -0.21 9.70
N ILE B 124 -3.60 0.68 10.43
CA ILE B 124 -3.08 1.97 9.91
C ILE B 124 -2.15 1.72 8.72
N GLU B 125 -1.10 0.92 8.88
CA GLU B 125 -0.07 0.65 7.84
C GLU B 125 -0.76 0.23 6.52
N ASN B 126 -1.87 -0.50 6.60
CA ASN B 126 -2.57 -1.07 5.42
C ASN B 126 -3.68 -0.11 4.95
N VAL B 127 -4.24 0.72 5.83
CA VAL B 127 -5.40 1.61 5.52
C VAL B 127 -4.92 3.00 5.10
N GLN B 128 -3.83 3.51 5.71
CA GLN B 128 -3.29 4.88 5.43
C GLN B 128 -2.19 4.79 4.37
N ARG B 129 -2.58 4.58 3.11
CA ARG B 129 -1.65 4.52 1.95
C ARG B 129 -2.47 4.63 0.67
N ALA B 130 -1.98 5.41 -0.31
CA ALA B 130 -2.64 5.71 -1.59
C ALA B 130 -1.98 4.89 -2.70
N ASP B 131 -2.78 4.18 -3.50
CA ASP B 131 -2.31 3.34 -4.63
C ASP B 131 -1.92 4.26 -5.80
N LEU B 132 -0.98 3.79 -6.62
CA LEU B 132 -0.47 4.50 -7.82
C LEU B 132 -1.50 4.35 -8.96
N ASN B 133 -1.83 5.44 -9.66
CA ASN B 133 -2.70 5.40 -10.85
C ASN B 133 -2.07 4.42 -11.85
N VAL B 134 -2.89 3.63 -12.55
CA VAL B 134 -2.41 2.60 -13.51
C VAL B 134 -1.64 3.28 -14.65
N LEU B 135 -1.96 4.55 -14.95
CA LEU B 135 -1.29 5.35 -16.00
C LEU B 135 0.06 5.85 -15.47
N GLU B 136 0.12 6.33 -14.23
CA GLU B 136 1.39 6.71 -13.54
C GLU B 136 2.33 5.49 -13.56
N GLU B 137 1.76 4.29 -13.41
CA GLU B 137 2.50 3.00 -13.46
C GLU B 137 3.04 2.78 -14.88
N ALA B 138 2.17 2.89 -15.89
CA ALA B 138 2.49 2.70 -17.32
C ALA B 138 3.62 3.66 -17.74
N LEU B 139 3.49 4.94 -17.41
CA LEU B 139 4.50 5.99 -17.73
C LEU B 139 5.85 5.60 -17.12
N SER B 140 5.85 5.09 -15.89
CA SER B 140 7.07 4.63 -15.16
C SER B 140 7.79 3.56 -15.99
N TYR B 141 7.02 2.65 -16.60
CA TYR B 141 7.54 1.54 -17.44
C TYR B 141 8.07 2.11 -18.77
N LYS B 142 7.37 3.09 -19.35
CA LYS B 142 7.80 3.81 -20.58
C LYS B 142 9.22 4.34 -20.34
N VAL B 143 9.40 5.13 -19.28
CA VAL B 143 10.70 5.76 -18.91
C VAL B 143 11.77 4.67 -18.73
N LEU B 144 11.43 3.51 -18.16
CA LEU B 144 12.38 2.37 -18.03
C LEU B 144 12.84 1.95 -19.44
N MET B 145 11.91 1.87 -20.38
CA MET B 145 12.19 1.43 -21.78
C MET B 145 13.02 2.49 -22.49
N GLU B 146 12.50 3.72 -22.57
CA GLU B 146 13.09 4.81 -23.42
C GLU B 146 14.38 5.33 -22.78
N LYS B 147 14.31 5.88 -21.57
CA LYS B 147 15.47 6.54 -20.90
C LYS B 147 16.57 5.53 -20.53
N PHE B 148 16.21 4.28 -20.23
CA PHE B 148 17.13 3.27 -19.63
C PHE B 148 17.22 2.00 -20.47
N GLU B 149 16.48 1.90 -21.58
CA GLU B 149 16.62 0.82 -22.59
C GLU B 149 16.37 -0.55 -21.94
N ARG B 150 15.33 -0.64 -21.11
CA ARG B 150 14.90 -1.90 -20.44
C ARG B 150 13.82 -2.55 -21.30
N THR B 151 13.92 -3.86 -21.54
CA THR B 151 12.86 -4.66 -22.22
C THR B 151 11.74 -4.92 -21.20
N GLN B 152 10.54 -5.23 -21.70
CA GLN B 152 9.37 -5.59 -20.85
C GLN B 152 9.72 -6.79 -19.97
N GLU B 153 10.62 -7.67 -20.44
CA GLU B 153 11.15 -8.81 -19.66
C GLU B 153 12.06 -8.30 -18.53
N ASN B 154 12.95 -7.36 -18.84
CA ASN B 154 13.88 -6.73 -17.85
C ASN B 154 13.04 -6.12 -16.71
N ILE B 155 11.97 -5.41 -17.05
CA ILE B 155 11.04 -4.73 -16.09
C ILE B 155 10.40 -5.79 -15.19
N ALA B 156 9.68 -6.73 -15.81
CA ALA B 156 9.00 -7.87 -15.14
C ALA B 156 9.92 -8.52 -14.10
N GLN B 157 11.16 -8.83 -14.50
CA GLN B 157 12.15 -9.54 -13.65
C GLN B 157 12.51 -8.68 -12.42
N THR B 158 12.68 -7.37 -12.62
CA THR B 158 13.16 -6.42 -11.58
C THR B 158 12.02 -6.06 -10.61
N ILE B 159 10.80 -5.84 -11.10
CA ILE B 159 9.64 -5.38 -10.27
C ILE B 159 8.87 -6.60 -9.71
N GLY B 160 9.17 -7.81 -10.18
CA GLY B 160 8.60 -9.07 -9.65
C GLY B 160 7.17 -9.31 -10.13
N LYS B 161 6.79 -8.73 -11.27
CA LYS B 161 5.47 -8.96 -11.93
C LYS B 161 5.69 -9.75 -13.22
N SER B 162 4.61 -10.12 -13.91
CA SER B 162 4.62 -10.90 -15.18
C SER B 162 4.92 -9.95 -16.35
N ARG B 163 5.56 -10.46 -17.40
CA ARG B 163 5.73 -9.74 -18.70
C ARG B 163 4.34 -9.31 -19.19
N SER B 164 3.34 -10.19 -19.04
CA SER B 164 1.92 -9.94 -19.38
C SER B 164 1.46 -8.63 -18.73
N HIS B 165 1.56 -8.55 -17.40
CA HIS B 165 1.13 -7.38 -16.58
C HIS B 165 1.80 -6.11 -17.10
N VAL B 166 3.11 -6.16 -17.37
CA VAL B 166 3.92 -4.99 -17.86
C VAL B 166 3.37 -4.56 -19.22
N ALA B 167 3.31 -5.48 -20.19
CA ALA B 167 2.82 -5.24 -21.57
C ALA B 167 1.43 -4.62 -21.55
N ASN B 168 0.50 -5.25 -20.82
CA ASN B 168 -0.92 -4.82 -20.70
C ASN B 168 -0.96 -3.39 -20.11
N THR B 169 -0.16 -3.13 -19.08
CA THR B 169 -0.11 -1.83 -18.36
C THR B 169 0.32 -0.71 -19.33
N MET B 170 1.29 -0.99 -20.20
CA MET B 170 1.88 0.00 -21.13
C MET B 170 0.93 0.27 -22.30
N ARG B 171 0.21 -0.75 -22.77
CA ARG B 171 -0.77 -0.66 -23.88
C ARG B 171 -1.79 0.45 -23.61
N LEU B 172 -2.05 0.77 -22.34
CA LEU B 172 -3.03 1.80 -21.90
C LEU B 172 -2.57 3.20 -22.36
N LEU B 173 -1.26 3.39 -22.59
CA LEU B 173 -0.67 4.69 -23.03
C LEU B 173 -1.12 5.00 -24.46
N ALA B 174 -1.43 3.97 -25.26
CA ALA B 174 -1.91 4.06 -26.65
C ALA B 174 -3.29 4.72 -26.70
N LEU B 175 -4.16 4.40 -25.73
CA LEU B 175 -5.59 4.82 -25.69
C LEU B 175 -5.71 6.34 -25.80
N PRO B 176 -6.85 6.87 -26.32
CA PRO B 176 -7.05 8.32 -26.43
C PRO B 176 -6.95 9.08 -25.09
N ASP B 177 -6.68 10.38 -25.14
CA ASP B 177 -6.54 11.27 -23.95
C ASP B 177 -7.84 11.26 -23.14
N GLU B 178 -8.99 11.18 -23.82
CA GLU B 178 -10.35 11.22 -23.21
C GLU B 178 -10.56 9.99 -22.31
N VAL B 179 -10.27 8.79 -22.83
CA VAL B 179 -10.47 7.49 -22.12
C VAL B 179 -9.46 7.40 -20.98
N GLN B 180 -8.25 7.94 -21.20
CA GLN B 180 -7.17 8.03 -20.18
C GLN B 180 -7.63 8.96 -19.06
N SER B 181 -8.28 10.08 -19.40
CA SER B 181 -8.90 11.05 -18.45
C SER B 181 -9.91 10.32 -17.55
N TYR B 182 -10.63 9.35 -18.10
CA TYR B 182 -11.58 8.47 -17.37
C TYR B 182 -10.82 7.64 -16.33
N LEU B 183 -9.65 7.12 -16.69
CA LEU B 183 -8.76 6.31 -15.81
C LEU B 183 -8.01 7.23 -14.84
N VAL B 184 -7.62 8.43 -15.28
CA VAL B 184 -6.97 9.48 -14.44
C VAL B 184 -7.98 9.91 -13.35
N SER B 185 -9.25 10.02 -13.71
CA SER B 185 -10.38 10.39 -12.81
C SER B 185 -10.82 9.18 -11.98
N GLY B 186 -10.76 7.98 -12.56
CA GLY B 186 -11.17 6.71 -11.92
C GLY B 186 -12.50 6.21 -12.46
N GLU B 187 -13.25 7.08 -13.15
CA GLU B 187 -14.55 6.77 -13.82
C GLU B 187 -14.45 5.38 -14.46
N LEU B 188 -13.49 5.19 -15.36
CA LEU B 188 -13.12 3.88 -15.94
C LEU B 188 -12.49 3.01 -14.84
N THR B 189 -13.17 1.94 -14.45
CA THR B 189 -12.79 1.02 -13.34
C THR B 189 -11.37 0.50 -13.57
N ALA B 190 -10.51 0.61 -12.55
CA ALA B 190 -9.09 0.18 -12.56
C ALA B 190 -9.00 -1.31 -12.92
N GLY B 191 -9.91 -2.13 -12.39
CA GLY B 191 -10.04 -3.56 -12.73
C GLY B 191 -10.36 -3.75 -14.21
N HIS B 192 -11.28 -2.93 -14.74
CA HIS B 192 -11.74 -2.93 -16.16
C HIS B 192 -10.59 -2.53 -17.09
N ALA B 193 -9.62 -1.75 -16.60
CA ALA B 193 -8.46 -1.23 -17.36
C ALA B 193 -7.59 -2.40 -17.86
N ARG B 194 -7.17 -3.27 -16.95
CA ARG B 194 -6.32 -4.46 -17.23
C ARG B 194 -7.02 -5.36 -18.26
N ALA B 195 -8.35 -5.48 -18.15
CA ALA B 195 -9.22 -6.25 -19.08
C ALA B 195 -9.25 -5.55 -20.44
N ILE B 196 -9.57 -4.25 -20.46
CA ILE B 196 -9.61 -3.39 -21.68
C ILE B 196 -8.27 -3.54 -22.43
N ALA B 197 -7.16 -3.55 -21.69
CA ALA B 197 -5.77 -3.65 -22.21
C ALA B 197 -5.55 -5.00 -22.90
N ALA B 198 -5.99 -6.09 -22.27
CA ALA B 198 -5.81 -7.49 -22.73
C ALA B 198 -6.48 -7.71 -24.10
N ALA B 199 -7.58 -7.00 -24.36
CA ALA B 199 -8.40 -7.11 -25.60
C ALA B 199 -7.53 -6.91 -26.84
N ALA B 200 -7.78 -7.71 -27.89
CA ALA B 200 -7.12 -7.61 -29.23
C ALA B 200 -7.37 -6.23 -29.82
N ASP B 201 -8.60 -5.71 -29.69
CA ASP B 201 -8.99 -4.34 -30.06
C ASP B 201 -9.35 -3.58 -28.78
N PRO B 202 -8.35 -2.99 -28.08
CA PRO B 202 -8.57 -2.40 -26.75
C PRO B 202 -9.34 -1.07 -26.76
N VAL B 203 -9.01 -0.16 -27.67
CA VAL B 203 -9.60 1.22 -27.75
C VAL B 203 -11.11 1.11 -28.04
N ALA B 204 -11.51 0.06 -28.76
CA ALA B 204 -12.92 -0.21 -29.17
C ALA B 204 -13.81 -0.41 -27.93
N LEU B 205 -13.23 -0.89 -26.82
CA LEU B 205 -13.95 -1.22 -25.56
C LEU B 205 -14.25 0.06 -24.76
N ALA B 206 -13.76 1.23 -25.22
CA ALA B 206 -13.94 2.55 -24.57
C ALA B 206 -15.42 2.92 -24.52
N LYS B 207 -16.08 2.97 -25.69
CA LYS B 207 -17.52 3.32 -25.84
C LYS B 207 -18.38 2.21 -25.23
N GLN B 208 -17.91 0.95 -25.27
CA GLN B 208 -18.61 -0.24 -24.73
C GLN B 208 -18.64 -0.20 -23.19
N ILE B 209 -17.79 0.62 -22.57
CA ILE B 209 -17.69 0.79 -21.09
C ILE B 209 -18.95 1.49 -20.56
N ILE B 210 -19.56 2.37 -21.38
CA ILE B 210 -20.80 3.12 -21.05
C ILE B 210 -21.90 2.11 -20.70
N GLU B 211 -22.05 1.06 -21.52
CA GLU B 211 -23.04 -0.04 -21.33
C GLU B 211 -22.39 -1.17 -20.54
#